data_1OG4
#
_entry.id   1OG4
#
_cell.length_a   81.295
_cell.length_b   81.295
_cell.length_c   77.239
_cell.angle_alpha   90.00
_cell.angle_beta   90.00
_cell.angle_gamma   120.00
#
_symmetry.space_group_name_H-M   'P 31 2 1'
#
loop_
_entity.id
_entity.type
_entity.pdbx_description
1 polymer 'T-CELL ECTO-ADP-RIBOSYLTRANSFERASE 2'
2 non-polymer '1,4-DIHYDRONICOTINAMIDE ADENINE DINUCLEOTIDE'
3 water water
#
_entity_poly.entity_id   1
_entity_poly.type   'polypeptide(L)'
_entity_poly.pdbx_seq_one_letter_code
;LTGPLMLDTAPNAFDDQYEGCVNKMEEKAPLLLQEDFNMNAKLKVAWEEAKKRWNNIKPSRSYPKGFNDFHGTALVAYTG
SIAVDFNRAVREFKENPGQFHYKAFHYYLTRALQLLSNGDCHSVYRGTKTRFHYTGAGSVRFGQFTSSSLSKKVAQSQEF
FSDHGTLFIIKTCLGVYIKEFSFRPDQEAVLIPGYEVYQKVRTQGYNEIFLDSPKRKKSNYNCLYS
;
_entity_poly.pdbx_strand_id   A
#
# COMPACT_ATOMS: atom_id res chain seq x y z
N PRO A 4 3.86 20.22 -6.12
CA PRO A 4 4.28 19.06 -6.94
C PRO A 4 5.13 18.12 -6.10
N LEU A 5 4.96 16.82 -6.28
CA LEU A 5 5.72 15.84 -5.52
C LEU A 5 6.73 15.09 -6.40
N MET A 6 7.79 14.59 -5.78
CA MET A 6 8.83 13.89 -6.50
C MET A 6 8.48 12.43 -6.72
N LEU A 7 8.76 11.94 -7.93
CA LEU A 7 8.49 10.56 -8.31
C LEU A 7 9.85 9.94 -8.65
N ASP A 8 10.36 9.14 -7.72
CA ASP A 8 11.66 8.46 -7.87
C ASP A 8 11.63 7.03 -7.36
N THR A 9 12.77 6.54 -6.88
CA THR A 9 12.87 5.17 -6.36
C THR A 9 12.51 5.07 -4.88
N ALA A 10 12.03 6.18 -4.31
CA ALA A 10 11.65 6.23 -2.88
C ALA A 10 12.75 5.67 -2.01
N PRO A 11 13.93 6.31 -2.02
CA PRO A 11 15.07 5.86 -1.21
C PRO A 11 14.88 5.95 0.30
N ASN A 12 13.99 6.83 0.76
CA ASN A 12 13.79 6.99 2.20
C ASN A 12 12.50 6.39 2.73
N ALA A 13 11.82 5.59 1.90
CA ALA A 13 10.58 4.97 2.31
C ALA A 13 10.79 3.62 2.98
N PHE A 14 10.09 3.40 4.10
CA PHE A 14 10.17 2.12 4.80
C PHE A 14 9.51 1.15 3.83
N ASP A 15 10.30 0.23 3.29
CA ASP A 15 9.82 -0.71 2.29
C ASP A 15 9.98 -2.19 2.62
N ASP A 16 10.10 -2.49 3.91
CA ASP A 16 10.29 -3.87 4.36
C ASP A 16 9.40 -4.89 3.65
N GLN A 17 10.02 -5.97 3.18
CA GLN A 17 9.31 -7.04 2.50
C GLN A 17 9.28 -8.27 3.41
N TYR A 18 10.05 -8.20 4.49
CA TYR A 18 10.11 -9.26 5.48
C TYR A 18 10.62 -10.62 4.96
N GLU A 19 11.69 -10.60 4.18
CA GLU A 19 12.25 -11.82 3.64
C GLU A 19 13.03 -12.58 4.70
N GLY A 20 12.59 -13.80 5.00
CA GLY A 20 13.24 -14.61 5.99
C GLY A 20 12.79 -14.36 7.42
N CYS A 21 11.68 -13.66 7.63
CA CYS A 21 11.23 -13.43 9.00
C CYS A 21 9.71 -13.37 9.24
N VAL A 22 8.90 -13.89 8.32
CA VAL A 22 7.46 -13.83 8.56
C VAL A 22 7.09 -14.62 9.81
N ASN A 23 7.73 -15.77 10.03
CA ASN A 23 7.42 -16.58 11.22
C ASN A 23 7.70 -15.81 12.49
N LYS A 24 8.88 -15.17 12.55
CA LYS A 24 9.25 -14.42 13.73
C LYS A 24 8.37 -13.18 13.89
N MET A 25 7.89 -12.62 12.79
CA MET A 25 7.03 -11.45 12.85
C MET A 25 5.63 -11.82 13.34
N GLU A 26 5.02 -12.83 12.73
CA GLU A 26 3.69 -13.28 13.12
C GLU A 26 3.63 -13.54 14.63
N GLU A 27 4.79 -13.77 15.22
CA GLU A 27 4.88 -14.05 16.64
C GLU A 27 5.14 -12.78 17.45
N LYS A 28 5.90 -11.85 16.88
CA LYS A 28 6.25 -10.60 17.54
C LYS A 28 5.33 -9.42 17.21
N ALA A 29 4.65 -9.49 16.07
CA ALA A 29 3.76 -8.42 15.63
C ALA A 29 2.59 -8.15 16.59
N PRO A 30 2.06 -9.19 17.25
CA PRO A 30 0.95 -8.95 18.18
C PRO A 30 1.30 -7.98 19.30
N LEU A 31 2.53 -8.07 19.80
CA LEU A 31 2.98 -7.18 20.87
C LEU A 31 3.24 -5.81 20.25
N LEU A 32 3.82 -5.82 19.05
CA LEU A 32 4.14 -4.60 18.34
C LEU A 32 2.89 -3.76 18.05
N LEU A 33 1.78 -4.41 17.75
CA LEU A 33 0.55 -3.71 17.45
C LEU A 33 0.11 -2.94 18.69
N GLN A 34 0.27 -3.57 19.85
CA GLN A 34 -0.09 -2.93 21.11
C GLN A 34 0.77 -1.69 21.31
N GLU A 35 2.07 -1.81 21.02
CA GLU A 35 2.99 -0.68 21.16
C GLU A 35 2.61 0.42 20.19
N ASP A 36 2.18 0.06 18.99
CA ASP A 36 1.78 1.06 18.01
C ASP A 36 0.57 1.81 18.56
N PHE A 37 -0.39 1.06 19.11
CA PHE A 37 -1.61 1.64 19.67
C PHE A 37 -1.36 2.60 20.82
N ASN A 38 -0.49 2.19 21.74
CA ASN A 38 -0.17 3.02 22.90
C ASN A 38 0.39 4.38 22.50
N MET A 39 0.76 4.52 21.24
CA MET A 39 1.33 5.79 20.79
C MET A 39 0.75 6.26 19.48
N ASN A 40 -0.47 5.84 19.19
CA ASN A 40 -1.13 6.23 17.96
C ASN A 40 -2.63 6.02 18.10
N ALA A 41 -3.29 6.97 18.75
CA ALA A 41 -4.71 6.90 18.98
C ALA A 41 -5.51 6.71 17.70
N LYS A 42 -5.22 7.52 16.69
CA LYS A 42 -5.92 7.43 15.41
C LYS A 42 -5.92 6.00 14.87
N LEU A 43 -4.77 5.35 14.91
CA LEU A 43 -4.65 3.98 14.42
C LEU A 43 -5.51 3.02 15.24
N LYS A 44 -5.38 3.08 16.55
CA LYS A 44 -6.16 2.22 17.42
C LYS A 44 -7.65 2.30 17.04
N VAL A 45 -8.16 3.53 16.95
CA VAL A 45 -9.55 3.73 16.58
C VAL A 45 -9.84 3.17 15.19
N ALA A 46 -8.98 3.49 14.23
CA ALA A 46 -9.15 3.03 12.87
C ALA A 46 -9.19 1.50 12.84
N TRP A 47 -8.29 0.88 13.60
CA TRP A 47 -8.21 -0.57 13.66
C TRP A 47 -9.45 -1.16 14.34
N GLU A 48 -9.83 -0.64 15.50
CA GLU A 48 -11.01 -1.15 16.19
C GLU A 48 -12.24 -1.16 15.28
N GLU A 49 -12.38 -0.12 14.48
CA GLU A 49 -13.51 -0.06 13.56
C GLU A 49 -13.35 -1.09 12.45
N ALA A 50 -12.13 -1.22 11.93
CA ALA A 50 -11.87 -2.18 10.86
C ALA A 50 -12.11 -3.61 11.33
N LYS A 51 -11.79 -3.90 12.58
CA LYS A 51 -11.98 -5.24 13.11
C LYS A 51 -13.45 -5.65 13.05
N LYS A 52 -14.34 -4.71 13.34
CA LYS A 52 -15.77 -4.99 13.31
C LYS A 52 -16.23 -5.30 11.90
N ARG A 53 -15.80 -4.47 10.94
CA ARG A 53 -16.16 -4.69 9.55
C ARG A 53 -15.62 -6.05 9.12
N TRP A 54 -14.36 -6.32 9.44
CA TRP A 54 -13.72 -7.58 9.08
C TRP A 54 -14.54 -8.78 9.55
N ASN A 55 -15.02 -8.74 10.78
CA ASN A 55 -15.82 -9.84 11.30
C ASN A 55 -16.99 -10.13 10.37
N ASN A 56 -17.60 -9.07 9.83
CA ASN A 56 -18.73 -9.23 8.92
C ASN A 56 -18.33 -9.72 7.54
N ILE A 57 -17.13 -9.36 7.10
CA ILE A 57 -16.65 -9.77 5.79
C ILE A 57 -16.14 -11.22 5.80
N LYS A 58 -15.36 -11.55 6.83
CA LYS A 58 -14.76 -12.88 6.98
C LYS A 58 -15.57 -14.13 6.59
N PRO A 59 -16.84 -14.21 7.02
CA PRO A 59 -17.71 -15.36 6.73
C PRO A 59 -18.07 -15.60 5.26
N SER A 60 -18.10 -14.54 4.46
CA SER A 60 -18.49 -14.65 3.06
C SER A 60 -17.52 -15.38 2.14
N ARG A 61 -16.25 -15.45 2.50
CA ARG A 61 -15.26 -16.09 1.65
C ARG A 61 -14.18 -16.81 2.45
N SER A 62 -13.36 -17.60 1.74
CA SER A 62 -12.25 -18.30 2.37
C SER A 62 -10.99 -17.51 2.03
N TYR A 63 -9.97 -17.61 2.89
CA TYR A 63 -8.72 -16.88 2.67
C TYR A 63 -7.50 -17.79 2.70
N PRO A 64 -6.41 -17.34 2.05
CA PRO A 64 -5.15 -18.11 1.99
C PRO A 64 -4.73 -18.68 3.34
N LYS A 65 -4.09 -19.85 3.30
CA LYS A 65 -3.61 -20.49 4.53
C LYS A 65 -2.65 -19.56 5.24
N GLY A 66 -2.95 -19.22 6.48
CA GLY A 66 -2.10 -18.34 7.23
C GLY A 66 -2.64 -16.92 7.27
N PHE A 67 -3.71 -16.67 6.52
CA PHE A 67 -4.32 -15.36 6.49
C PHE A 67 -5.21 -15.20 7.72
N ASN A 68 -4.67 -14.59 8.77
CA ASN A 68 -5.41 -14.40 10.02
C ASN A 68 -6.19 -13.08 10.08
N ASP A 69 -6.82 -12.83 11.22
CA ASP A 69 -7.60 -11.62 11.41
C ASP A 69 -6.77 -10.35 11.39
N PHE A 70 -5.49 -10.46 11.74
CA PHE A 70 -4.60 -9.31 11.72
C PHE A 70 -4.47 -8.83 10.27
N HIS A 71 -4.21 -9.77 9.37
CA HIS A 71 -4.06 -9.48 7.95
C HIS A 71 -5.36 -8.89 7.45
N GLY A 72 -6.46 -9.57 7.74
CA GLY A 72 -7.76 -9.10 7.32
C GLY A 72 -8.08 -7.71 7.82
N THR A 73 -7.94 -7.49 9.11
CA THR A 73 -8.22 -6.18 9.70
C THR A 73 -7.32 -5.08 9.12
N ALA A 74 -6.03 -5.37 8.98
CA ALA A 74 -5.09 -4.38 8.44
C ALA A 74 -5.50 -3.92 7.04
N LEU A 75 -5.89 -4.87 6.20
CA LEU A 75 -6.29 -4.57 4.85
C LEU A 75 -7.60 -3.77 4.81
N VAL A 76 -8.53 -4.09 5.71
CA VAL A 76 -9.79 -3.37 5.75
C VAL A 76 -9.52 -1.92 6.21
N ALA A 77 -8.67 -1.77 7.22
CA ALA A 77 -8.33 -0.46 7.76
C ALA A 77 -7.67 0.42 6.70
N TYR A 78 -6.82 -0.19 5.87
CA TYR A 78 -6.14 0.58 4.86
C TYR A 78 -7.13 1.25 3.89
N THR A 79 -8.19 0.52 3.52
CA THR A 79 -9.19 1.09 2.64
C THR A 79 -10.00 2.11 3.43
N GLY A 80 -9.55 2.37 4.66
CA GLY A 80 -10.22 3.33 5.51
C GLY A 80 -9.54 4.69 5.49
N SER A 81 -9.78 5.49 6.52
CA SER A 81 -9.20 6.82 6.62
C SER A 81 -7.81 6.86 7.24
N ILE A 82 -7.34 5.73 7.77
CA ILE A 82 -6.02 5.69 8.38
C ILE A 82 -4.93 5.67 7.31
N ALA A 83 -5.32 5.35 6.08
CA ALA A 83 -4.40 5.25 4.95
C ALA A 83 -3.49 6.46 4.72
N VAL A 84 -4.05 7.66 4.78
CA VAL A 84 -3.25 8.86 4.53
C VAL A 84 -2.10 9.02 5.51
N ASP A 85 -2.39 9.03 6.81
CA ASP A 85 -1.33 9.20 7.79
C ASP A 85 -0.32 8.04 7.78
N PHE A 86 -0.77 6.86 7.37
CA PHE A 86 0.09 5.68 7.31
C PHE A 86 1.08 5.78 6.16
N ASN A 87 0.60 6.18 4.99
CA ASN A 87 1.46 6.32 3.82
C ASN A 87 2.50 7.40 4.11
N ARG A 88 2.05 8.48 4.76
CA ARG A 88 2.91 9.59 5.12
C ARG A 88 4.04 9.12 6.04
N ALA A 89 3.68 8.30 7.02
CA ALA A 89 4.64 7.77 7.98
C ALA A 89 5.68 6.88 7.30
N VAL A 90 5.23 6.09 6.34
CA VAL A 90 6.10 5.18 5.60
C VAL A 90 7.03 5.95 4.64
N ARG A 91 6.44 6.91 3.94
CA ARG A 91 7.15 7.73 2.97
C ARG A 91 8.29 8.52 3.59
N GLU A 92 8.07 9.04 4.80
CA GLU A 92 9.07 9.84 5.49
C GLU A 92 9.72 9.06 6.63
N PHE A 93 9.89 7.75 6.45
CA PHE A 93 10.49 6.92 7.48
C PHE A 93 11.93 7.29 7.84
N LYS A 94 12.82 7.24 6.85
CA LYS A 94 14.23 7.55 7.05
C LYS A 94 14.47 8.87 7.76
N GLU A 95 13.61 9.84 7.53
CA GLU A 95 13.73 11.15 8.18
C GLU A 95 13.91 10.96 9.68
N ASN A 96 12.81 10.70 10.39
CA ASN A 96 12.87 10.49 11.84
C ASN A 96 12.29 9.11 12.16
N PRO A 97 13.03 8.04 11.81
CA PRO A 97 12.63 6.64 12.03
C PRO A 97 12.34 6.24 13.49
N GLY A 98 12.29 7.23 14.38
CA GLY A 98 12.01 6.94 15.77
C GLY A 98 10.53 7.09 16.09
N GLN A 99 9.83 7.82 15.22
CA GLN A 99 8.40 8.07 15.42
C GLN A 99 7.52 7.29 14.45
N PHE A 100 7.88 6.03 14.22
CA PHE A 100 7.09 5.18 13.32
C PHE A 100 6.24 4.22 14.16
N HIS A 101 4.98 4.58 14.33
CA HIS A 101 4.06 3.78 15.12
C HIS A 101 3.10 2.98 14.23
N TYR A 102 3.68 2.30 13.26
CA TYR A 102 2.97 1.46 12.32
C TYR A 102 3.80 0.21 12.07
N LYS A 103 4.62 -0.14 13.06
CA LYS A 103 5.49 -1.29 12.96
C LYS A 103 4.70 -2.58 12.70
N ALA A 104 3.73 -2.87 13.56
CA ALA A 104 2.93 -4.08 13.36
C ALA A 104 2.01 -3.88 12.15
N PHE A 105 1.42 -2.70 12.04
CA PHE A 105 0.51 -2.42 10.95
C PHE A 105 1.16 -2.63 9.59
N HIS A 106 2.35 -2.07 9.40
CA HIS A 106 3.05 -2.22 8.14
C HIS A 106 3.27 -3.69 7.81
N TYR A 107 3.76 -4.46 8.79
CA TYR A 107 4.00 -5.87 8.56
C TYR A 107 2.75 -6.63 8.12
N TYR A 108 1.66 -6.47 8.87
CA TYR A 108 0.41 -7.15 8.56
C TYR A 108 -0.20 -6.81 7.21
N LEU A 109 -0.16 -5.53 6.84
CA LEU A 109 -0.70 -5.13 5.56
C LEU A 109 0.18 -5.68 4.46
N THR A 110 1.49 -5.64 4.69
CA THR A 110 2.46 -6.17 3.73
C THR A 110 2.23 -7.66 3.55
N ARG A 111 2.06 -8.36 4.66
CA ARG A 111 1.85 -9.80 4.63
C ARG A 111 0.52 -10.16 3.97
N ALA A 112 -0.51 -9.36 4.24
CA ALA A 112 -1.82 -9.60 3.64
C ALA A 112 -1.72 -9.60 2.12
N LEU A 113 -1.04 -8.60 1.56
CA LEU A 113 -0.91 -8.53 0.10
C LEU A 113 -0.07 -9.66 -0.47
N GLN A 114 0.95 -10.10 0.24
CA GLN A 114 1.78 -11.19 -0.25
C GLN A 114 1.02 -12.52 -0.24
N LEU A 115 0.23 -12.75 0.81
CA LEU A 115 -0.56 -13.96 0.92
C LEU A 115 -1.66 -14.00 -0.15
N LEU A 116 -2.19 -12.83 -0.51
CA LEU A 116 -3.25 -12.74 -1.51
C LEU A 116 -2.69 -12.58 -2.91
N SER A 117 -1.38 -12.38 -3.01
CA SER A 117 -0.73 -12.18 -4.29
C SER A 117 -0.54 -13.43 -5.14
N ASN A 118 -0.64 -13.25 -6.45
CA ASN A 118 -0.45 -14.32 -7.43
C ASN A 118 0.54 -13.77 -8.44
N GLY A 119 0.69 -14.47 -9.56
CA GLY A 119 1.59 -13.98 -10.59
C GLY A 119 0.88 -12.93 -11.39
N ASP A 120 -0.46 -13.03 -11.41
CA ASP A 120 -1.32 -12.12 -12.15
C ASP A 120 -0.89 -10.65 -12.17
N CYS A 121 -0.85 -10.09 -13.37
CA CYS A 121 -0.50 -8.70 -13.56
C CYS A 121 -1.79 -8.01 -14.00
N HIS A 122 -1.93 -6.73 -13.69
CA HIS A 122 -3.13 -5.99 -14.06
C HIS A 122 -2.79 -4.64 -14.65
N SER A 123 -3.77 -4.05 -15.34
CA SER A 123 -3.62 -2.73 -15.91
C SER A 123 -4.50 -1.88 -15.01
N VAL A 124 -3.87 -1.08 -14.15
CA VAL A 124 -4.62 -0.25 -13.23
C VAL A 124 -4.40 1.22 -13.49
N TYR A 125 -5.21 2.05 -12.85
CA TYR A 125 -5.12 3.50 -12.99
C TYR A 125 -5.22 4.14 -11.61
N ARG A 126 -4.55 5.26 -11.45
CA ARG A 126 -4.57 5.97 -10.18
C ARG A 126 -4.62 7.46 -10.42
N GLY A 127 -5.59 8.11 -9.80
CA GLY A 127 -5.72 9.55 -9.96
C GLY A 127 -5.29 10.29 -8.70
N THR A 128 -4.79 11.51 -8.88
CA THR A 128 -4.36 12.33 -7.76
C THR A 128 -4.76 13.76 -8.06
N LYS A 129 -4.70 14.63 -7.06
CA LYS A 129 -5.03 16.03 -7.25
C LYS A 129 -3.76 16.83 -6.96
N THR A 130 -2.67 16.10 -6.78
CA THR A 130 -1.35 16.68 -6.54
C THR A 130 -0.46 16.24 -7.69
N ARG A 131 0.17 17.21 -8.35
CA ARG A 131 1.04 16.92 -9.49
C ARG A 131 2.31 16.18 -9.12
N PHE A 132 2.59 15.10 -9.85
CA PHE A 132 3.79 14.31 -9.62
C PHE A 132 4.80 14.58 -10.73
N HIS A 133 6.05 14.85 -10.32
CA HIS A 133 7.15 15.11 -11.25
C HIS A 133 8.19 14.00 -11.19
N TYR A 134 8.38 13.30 -12.31
CA TYR A 134 9.37 12.24 -12.38
C TYR A 134 10.75 12.90 -12.45
N THR A 135 11.62 12.60 -11.48
CA THR A 135 12.95 13.20 -11.46
C THR A 135 14.04 12.41 -12.16
N GLY A 136 13.65 11.64 -13.17
CA GLY A 136 14.60 10.87 -13.97
C GLY A 136 15.63 9.99 -13.28
N ALA A 137 15.22 9.21 -12.28
CA ALA A 137 16.14 8.33 -11.57
C ALA A 137 16.53 7.11 -12.42
N GLY A 138 15.62 6.70 -13.30
CA GLY A 138 15.88 5.55 -14.16
C GLY A 138 14.77 4.52 -14.02
N SER A 139 14.18 4.48 -12.82
CA SER A 139 13.09 3.57 -12.50
C SER A 139 12.23 4.24 -11.42
N VAL A 140 11.15 3.59 -11.00
CA VAL A 140 10.28 4.18 -9.99
C VAL A 140 9.62 3.18 -9.04
N ARG A 141 9.44 3.62 -7.79
CA ARG A 141 8.78 2.86 -6.75
C ARG A 141 7.91 3.87 -6.02
N PHE A 142 6.72 3.46 -5.62
CA PHE A 142 5.83 4.38 -4.92
C PHE A 142 6.25 4.55 -3.46
N GLY A 143 7.01 3.58 -2.95
CA GLY A 143 7.46 3.65 -1.57
C GLY A 143 6.35 3.22 -0.63
N GLN A 144 5.33 4.07 -0.54
CA GLN A 144 4.18 3.82 0.30
C GLN A 144 3.23 2.90 -0.46
N PHE A 145 2.32 2.25 0.25
CA PHE A 145 1.36 1.41 -0.42
C PHE A 145 0.54 2.31 -1.32
N THR A 146 0.13 1.80 -2.47
CA THR A 146 -0.63 2.60 -3.41
C THR A 146 -1.87 1.90 -3.93
N SER A 147 -3.01 2.56 -3.81
CA SER A 147 -4.26 1.99 -4.29
C SER A 147 -4.55 2.53 -5.68
N SER A 148 -5.08 1.66 -6.53
CA SER A 148 -5.42 2.03 -7.89
C SER A 148 -6.75 1.40 -8.23
N SER A 149 -7.14 1.48 -9.49
CA SER A 149 -8.41 0.90 -9.91
C SER A 149 -8.29 0.27 -11.30
N LEU A 150 -9.07 -0.79 -11.53
CA LEU A 150 -9.06 -1.47 -12.82
C LEU A 150 -9.80 -0.56 -13.79
N SER A 151 -10.63 0.31 -13.24
CA SER A 151 -11.40 1.25 -14.04
C SER A 151 -10.72 2.61 -14.15
N LYS A 152 -10.39 2.99 -15.38
CA LYS A 152 -9.75 4.27 -15.61
C LYS A 152 -10.72 5.38 -15.26
N LYS A 153 -12.02 5.10 -15.47
CA LYS A 153 -13.06 6.07 -15.18
C LYS A 153 -13.07 6.42 -13.70
N VAL A 154 -12.87 5.42 -12.85
CA VAL A 154 -12.85 5.63 -11.40
C VAL A 154 -11.68 6.53 -11.01
N ALA A 155 -10.47 6.17 -11.47
CA ALA A 155 -9.27 6.93 -11.17
C ALA A 155 -9.41 8.38 -11.62
N GLN A 156 -10.24 8.61 -12.64
CA GLN A 156 -10.44 9.95 -13.17
C GLN A 156 -11.57 10.72 -12.50
N SER A 157 -12.49 10.00 -11.84
CA SER A 157 -13.61 10.65 -11.17
C SER A 157 -13.09 11.79 -10.28
N GLN A 158 -13.95 12.77 -10.05
CA GLN A 158 -13.63 13.93 -9.23
C GLN A 158 -13.31 13.51 -7.79
N GLU A 159 -13.33 12.21 -7.55
CA GLU A 159 -13.04 11.70 -6.21
C GLU A 159 -11.54 11.61 -5.96
N PHE A 160 -10.79 11.25 -7.00
CA PHE A 160 -9.34 11.10 -6.85
C PHE A 160 -8.51 12.04 -7.71
N PHE A 161 -9.03 12.40 -8.88
CA PHE A 161 -8.31 13.23 -9.83
C PHE A 161 -8.82 14.66 -10.04
N SER A 162 -7.97 15.48 -10.65
CA SER A 162 -8.28 16.86 -10.96
C SER A 162 -7.16 17.41 -11.85
N ASP A 163 -7.40 18.55 -12.47
CA ASP A 163 -6.40 19.17 -13.35
C ASP A 163 -5.07 19.41 -12.63
N HIS A 164 -5.12 19.76 -11.35
CA HIS A 164 -3.89 20.00 -10.59
C HIS A 164 -3.11 18.70 -10.37
N GLY A 165 -3.76 17.57 -10.61
CA GLY A 165 -3.11 16.29 -10.36
C GLY A 165 -2.47 15.50 -11.48
N THR A 166 -2.33 14.20 -11.22
CA THR A 166 -1.71 13.27 -12.15
C THR A 166 -2.53 11.99 -12.30
N LEU A 167 -2.47 11.39 -13.48
CA LEU A 167 -3.16 10.14 -13.73
C LEU A 167 -2.11 9.09 -14.07
N PHE A 168 -1.92 8.12 -13.19
CA PHE A 168 -0.96 7.06 -13.43
C PHE A 168 -1.62 5.93 -14.20
N ILE A 169 -0.95 5.48 -15.25
CA ILE A 169 -1.44 4.34 -16.03
C ILE A 169 -0.36 3.32 -15.71
N ILE A 170 -0.74 2.35 -14.88
CA ILE A 170 0.18 1.35 -14.36
C ILE A 170 -0.04 -0.12 -14.73
N LYS A 171 1.05 -0.81 -15.03
CA LYS A 171 0.99 -2.23 -15.30
C LYS A 171 1.68 -2.81 -14.07
N THR A 172 0.91 -3.48 -13.22
CA THR A 172 1.47 -4.06 -12.00
C THR A 172 1.35 -5.58 -11.97
N CYS A 173 2.26 -6.22 -11.25
CA CYS A 173 2.22 -7.67 -11.14
C CYS A 173 2.24 -8.12 -9.69
N LEU A 174 2.39 -7.18 -8.77
CA LEU A 174 2.39 -7.49 -7.35
C LEU A 174 1.10 -6.95 -6.74
N GLY A 175 0.39 -6.17 -7.54
CA GLY A 175 -0.86 -5.59 -7.08
C GLY A 175 -1.91 -6.63 -6.81
N VAL A 176 -2.73 -6.39 -5.79
CA VAL A 176 -3.77 -7.32 -5.42
C VAL A 176 -5.15 -6.71 -5.51
N TYR A 177 -6.10 -7.51 -5.99
CA TYR A 177 -7.50 -7.09 -6.12
C TYR A 177 -8.09 -7.19 -4.72
N ILE A 178 -8.42 -6.04 -4.13
CA ILE A 178 -8.98 -6.01 -2.77
C ILE A 178 -10.41 -5.49 -2.71
N LYS A 179 -11.20 -5.81 -3.72
CA LYS A 179 -12.59 -5.37 -3.75
C LYS A 179 -13.38 -5.87 -2.55
N GLU A 180 -13.20 -7.15 -2.24
CA GLU A 180 -13.89 -7.80 -1.12
C GLU A 180 -13.52 -7.23 0.24
N PHE A 181 -12.46 -6.42 0.28
CA PHE A 181 -11.98 -5.83 1.54
C PHE A 181 -12.38 -4.38 1.77
N SER A 182 -12.41 -3.60 0.70
CA SER A 182 -12.72 -2.18 0.83
C SER A 182 -14.14 -1.83 1.27
N PHE A 183 -14.29 -0.64 1.82
CA PHE A 183 -15.59 -0.15 2.27
C PHE A 183 -16.42 0.17 1.04
N ARG A 184 -15.76 0.22 -0.12
CA ARG A 184 -16.42 0.52 -1.39
C ARG A 184 -17.60 -0.44 -1.65
N PRO A 185 -17.42 -1.50 -2.45
CA PRO A 185 -16.30 -2.05 -3.21
C PRO A 185 -16.47 -1.82 -4.72
N ASP A 186 -17.05 -0.69 -5.09
CA ASP A 186 -17.29 -0.38 -6.50
C ASP A 186 -16.12 0.32 -7.19
N GLN A 187 -15.10 0.69 -6.41
CA GLN A 187 -13.95 1.37 -6.97
C GLN A 187 -12.94 0.40 -7.58
N GLU A 188 -13.32 -0.88 -7.65
CA GLU A 188 -12.49 -1.93 -8.22
C GLU A 188 -11.02 -1.69 -7.90
N ALA A 189 -10.71 -1.52 -6.62
CA ALA A 189 -9.35 -1.23 -6.21
C ALA A 189 -8.37 -2.39 -6.23
N VAL A 190 -7.13 -2.05 -6.57
CA VAL A 190 -6.02 -2.99 -6.60
C VAL A 190 -4.93 -2.33 -5.76
N LEU A 191 -4.51 -3.01 -4.70
CA LEU A 191 -3.49 -2.47 -3.81
C LEU A 191 -2.10 -2.88 -4.29
N ILE A 192 -1.24 -1.90 -4.46
CA ILE A 192 0.13 -2.10 -4.93
C ILE A 192 1.15 -1.87 -3.84
N PRO A 193 2.04 -2.84 -3.59
CA PRO A 193 3.05 -2.65 -2.55
C PRO A 193 4.01 -1.54 -2.98
N GLY A 194 4.49 -0.75 -2.03
CA GLY A 194 5.39 0.34 -2.35
C GLY A 194 6.77 -0.08 -2.82
N TYR A 195 7.05 -1.38 -2.75
CA TYR A 195 8.36 -1.87 -3.17
C TYR A 195 8.40 -2.44 -4.58
N GLU A 196 7.32 -2.29 -5.33
CA GLU A 196 7.34 -2.77 -6.71
C GLU A 196 8.13 -1.72 -7.49
N VAL A 197 8.97 -2.18 -8.42
CA VAL A 197 9.79 -1.27 -9.21
C VAL A 197 9.32 -1.25 -10.67
N TYR A 198 9.17 -0.04 -11.20
CA TYR A 198 8.76 0.11 -12.60
C TYR A 198 9.99 0.54 -13.37
N GLN A 199 10.51 -0.39 -14.18
CA GLN A 199 11.71 -0.15 -14.96
C GLN A 199 11.49 0.74 -16.19
N LYS A 200 10.24 1.04 -16.49
CA LYS A 200 9.90 1.89 -17.62
C LYS A 200 8.98 3.04 -17.19
N VAL A 201 9.48 4.26 -17.27
CA VAL A 201 8.71 5.43 -16.89
C VAL A 201 8.51 6.33 -18.10
N ARG A 202 7.31 6.86 -18.26
CA ARG A 202 7.03 7.76 -19.39
C ARG A 202 6.00 8.82 -19.06
N THR A 203 6.39 10.06 -19.26
CA THR A 203 5.52 11.19 -19.01
C THR A 203 4.88 11.67 -20.30
N GLN A 204 3.56 11.85 -20.25
CA GLN A 204 2.81 12.32 -21.40
C GLN A 204 2.02 13.55 -20.98
N GLY A 205 2.28 14.67 -21.65
CA GLY A 205 1.59 15.89 -21.30
C GLY A 205 1.99 16.33 -19.91
N TYR A 206 1.14 17.09 -19.24
CA TYR A 206 1.45 17.57 -17.90
C TYR A 206 0.84 16.73 -16.79
N ASN A 207 -0.09 15.84 -17.11
CA ASN A 207 -0.72 15.05 -16.06
C ASN A 207 -0.86 13.56 -16.25
N GLU A 208 -0.11 12.97 -17.17
CA GLU A 208 -0.19 11.54 -17.38
C GLU A 208 1.18 10.90 -17.23
N ILE A 209 1.23 9.81 -16.48
CA ILE A 209 2.49 9.11 -16.26
C ILE A 209 2.26 7.61 -16.42
N PHE A 210 3.02 7.01 -17.35
CA PHE A 210 2.92 5.59 -17.60
C PHE A 210 4.04 4.85 -16.88
N LEU A 211 3.66 3.81 -16.16
CA LEU A 211 4.62 3.01 -15.43
C LEU A 211 4.54 1.58 -15.95
N ASP A 212 5.64 1.11 -16.52
CA ASP A 212 5.69 -0.23 -17.08
C ASP A 212 6.91 -1.04 -16.65
N SER A 213 7.00 -2.26 -17.17
CA SER A 213 8.09 -3.18 -16.85
C SER A 213 8.20 -3.33 -15.34
N PRO A 214 7.10 -3.73 -14.69
CA PRO A 214 7.14 -3.92 -13.24
C PRO A 214 8.05 -5.08 -12.88
N LYS A 215 8.80 -4.93 -11.80
CA LYS A 215 9.70 -5.98 -11.37
C LYS A 215 9.85 -5.92 -9.86
N ARG A 216 10.17 -7.06 -9.26
CA ARG A 216 10.34 -7.10 -7.82
C ARG A 216 11.82 -7.14 -7.49
N LYS A 217 12.31 -6.06 -6.89
CA LYS A 217 13.71 -5.98 -6.49
C LYS A 217 13.74 -5.88 -4.98
N LYS A 218 14.90 -6.14 -4.40
CA LYS A 218 15.03 -6.07 -2.95
C LYS A 218 14.76 -4.66 -2.43
N SER A 219 14.44 -4.59 -1.14
CA SER A 219 14.16 -3.31 -0.50
C SER A 219 15.38 -2.85 0.27
N ASN A 220 15.36 -1.60 0.70
CA ASN A 220 16.47 -1.04 1.46
C ASN A 220 16.38 -1.46 2.92
N TYR A 221 15.20 -1.90 3.32
CA TYR A 221 14.96 -2.36 4.68
C TYR A 221 14.48 -3.79 4.59
N ASN A 222 14.84 -4.61 5.57
CA ASN A 222 14.41 -6.00 5.60
C ASN A 222 14.40 -6.50 7.02
N CYS A 223 13.22 -6.91 7.48
CA CYS A 223 13.08 -7.44 8.83
C CYS A 223 13.64 -6.49 9.88
N LEU A 224 13.45 -5.19 9.66
CA LEU A 224 13.94 -4.17 10.58
C LEU A 224 13.50 -4.36 12.03
N TYR A 225 12.27 -4.81 12.25
CA TYR A 225 11.77 -5.00 13.61
C TYR A 225 11.60 -6.46 14.04
N SER A 226 12.25 -7.37 13.30
CA SER A 226 12.17 -8.79 13.63
C SER A 226 13.06 -9.13 14.81
#